data_7UXD
#
_entry.id   7UXD
#
_cell.length_a   47.489
_cell.length_b   47.121
_cell.length_c   52.042
_cell.angle_alpha   90.000
_cell.angle_beta   103.180
_cell.angle_gamma   90.000
#
_symmetry.space_group_name_H-M   'P 1 21 1'
#
loop_
_entity.id
_entity.type
_entity.pdbx_description
1 polymer 'DNA dC->dU-editing enzyme APOBEC-3G'
2 polymer "DNA (5'-D(*AP*AP*TP*CP*CP*(DDN)P*AP*AP*A)-3')"
3 non-polymer 'ZINC ION'
4 water water
#
loop_
_entity_poly.entity_id
_entity_poly.type
_entity_poly.pdbx_seq_one_letter_code
_entity_poly.pdbx_strand_id
1 'polypeptide(L)'
;GPLGSEILRHSMDPATFTFNFNNEPWVRGRHETYLCYEVERMHNDTWVKLAQRRGFLANQAKHKHGFLEGRHAELCFLDV
IPFWKLDLDQDYRVTCFTSWSPCFSCAQEMAKFISKNKHVSLCIKTARIYDDKGRAAEGLRTLAEAGAKISIMTYSEFKH
CWDTFVDHQGAPFQPWDGLDEHSQDLSGRLRAILQNQEN
;
A
2 'polydeoxyribonucleotide' (DA)(DA)(DT)(DC)(DC)(DDN)(DA)(DA)(DA) B
#
# COMPACT_ATOMS: atom_id res chain seq x y z
N ARG A 9 -14.03 5.95 -10.88
CA ARG A 9 -14.08 5.01 -11.99
C ARG A 9 -13.63 3.61 -11.55
N HIS A 10 -13.96 2.61 -12.36
CA HIS A 10 -13.66 1.24 -12.01
C HIS A 10 -12.17 0.95 -11.99
N SER A 11 -11.41 1.61 -12.86
CA SER A 11 -9.99 1.37 -13.04
CA SER A 11 -9.98 1.36 -13.00
C SER A 11 -9.23 2.69 -13.01
N MET A 12 -7.96 2.62 -12.63
CA MET A 12 -7.16 3.82 -12.44
C MET A 12 -6.64 4.37 -13.78
N ASP A 13 -6.61 5.70 -13.88
CA ASP A 13 -6.07 6.34 -15.08
C ASP A 13 -4.61 5.92 -15.26
N PRO A 14 -4.21 5.49 -16.46
CA PRO A 14 -2.84 4.98 -16.63
C PRO A 14 -1.75 6.03 -16.41
N ALA A 15 -1.96 7.29 -16.82
CA ALA A 15 -0.97 8.32 -16.54
C ALA A 15 -0.84 8.54 -15.03
N THR A 16 -1.95 8.47 -14.31
CA THR A 16 -1.90 8.61 -12.85
C THR A 16 -1.09 7.49 -12.22
N PHE A 17 -1.30 6.25 -12.68
CA PHE A 17 -0.52 5.14 -12.16
C PHE A 17 0.96 5.33 -12.42
N THR A 18 1.32 5.63 -13.67
CA THR A 18 2.72 5.72 -14.04
C THR A 18 3.43 6.82 -13.28
N PHE A 19 2.75 7.96 -13.07
CA PHE A 19 3.38 9.04 -12.33
C PHE A 19 3.53 8.68 -10.85
N ASN A 20 2.48 8.12 -10.26
CA ASN A 20 2.46 7.93 -8.82
C ASN A 20 3.23 6.71 -8.36
N PHE A 21 3.36 5.67 -9.19
CA PHE A 21 4.05 4.45 -8.78
C PHE A 21 5.51 4.40 -9.24
N ASN A 22 5.99 5.41 -9.94
CA ASN A 22 7.41 5.49 -10.26
C ASN A 22 8.22 5.36 -8.99
N ASN A 23 9.26 4.52 -9.02
CA ASN A 23 9.97 4.18 -7.80
C ASN A 23 11.38 4.76 -7.72
N GLU A 24 11.69 5.80 -8.50
CA GLU A 24 12.94 6.53 -8.31
C GLU A 24 12.96 7.06 -6.87
N PRO A 25 13.95 6.70 -6.06
CA PRO A 25 13.81 6.89 -4.60
C PRO A 25 13.70 8.34 -4.16
N TRP A 26 14.42 9.25 -4.81
CA TRP A 26 14.48 10.64 -4.39
C TRP A 26 13.83 11.59 -5.39
N VAL A 27 12.85 11.09 -6.15
CA VAL A 27 12.19 11.92 -7.15
C VAL A 27 11.23 12.87 -6.45
N ARG A 28 11.05 14.05 -7.03
CA ARG A 28 10.19 15.08 -6.47
C ARG A 28 8.82 15.04 -7.14
N GLY A 29 7.86 15.73 -6.51
CA GLY A 29 6.60 16.05 -7.15
C GLY A 29 5.43 15.14 -6.82
N ARG A 30 5.62 14.08 -6.02
CA ARG A 30 4.55 13.14 -5.70
C ARG A 30 3.91 13.57 -4.38
N HIS A 31 2.90 14.42 -4.48
CA HIS A 31 2.22 14.96 -3.31
C HIS A 31 0.81 14.42 -3.14
N GLU A 32 0.51 13.28 -3.76
CA GLU A 32 -0.64 12.46 -3.47
C GLU A 32 -0.16 11.07 -3.07
N THR A 33 -1.08 10.26 -2.55
CA THR A 33 -0.81 8.86 -2.26
C THR A 33 -1.93 8.02 -2.85
N TYR A 34 -1.56 6.99 -3.62
CA TYR A 34 -2.53 6.04 -4.15
C TYR A 34 -2.32 4.67 -3.51
N LEU A 35 -3.41 3.93 -3.36
CA LEU A 35 -3.39 2.66 -2.68
C LEU A 35 -4.33 1.73 -3.45
N CYS A 36 -3.81 0.59 -3.90
CA CYS A 36 -4.63 -0.47 -4.48
C CYS A 36 -4.70 -1.58 -3.45
N TYR A 37 -5.83 -2.23 -3.34
CA TYR A 37 -6.01 -3.23 -2.31
C TYR A 37 -6.71 -4.46 -2.87
N GLU A 38 -6.36 -5.60 -2.31
CA GLU A 38 -7.02 -6.86 -2.65
C GLU A 38 -7.07 -7.73 -1.40
N VAL A 39 -8.11 -8.56 -1.31
CA VAL A 39 -8.38 -9.39 -0.14
C VAL A 39 -8.46 -10.85 -0.57
N GLU A 40 -7.90 -11.73 0.26
CA GLU A 40 -8.03 -13.17 0.09
C GLU A 40 -8.55 -13.77 1.38
N ARG A 41 -9.28 -14.86 1.25
CA ARG A 41 -9.77 -15.64 2.38
C ARG A 41 -9.06 -16.99 2.40
N MET A 42 -8.74 -17.46 3.59
CA MET A 42 -8.11 -18.77 3.75
C MET A 42 -9.20 -19.83 3.74
N HIS A 43 -9.23 -20.66 2.70
CA HIS A 43 -10.21 -21.74 2.61
C HIS A 43 -9.54 -22.97 2.01
N ASN A 44 -9.88 -24.14 2.55
CA ASN A 44 -9.14 -25.37 2.27
C ASN A 44 -7.64 -25.09 2.34
N ASP A 45 -7.28 -24.34 3.38
CA ASP A 45 -5.96 -23.75 3.62
C ASP A 45 -5.21 -23.34 2.35
N THR A 46 -5.92 -22.68 1.44
CA THR A 46 -5.32 -21.93 0.34
C THR A 46 -5.90 -20.52 0.41
N TRP A 47 -5.07 -19.52 0.10
CA TRP A 47 -5.57 -18.16 -0.04
C TRP A 47 -6.35 -18.09 -1.35
N VAL A 48 -7.63 -17.72 -1.27
CA VAL A 48 -8.51 -17.61 -2.43
C VAL A 48 -8.95 -16.15 -2.55
N LYS A 49 -8.84 -15.59 -3.75
CA LYS A 49 -9.13 -14.19 -3.96
C LYS A 49 -10.63 -13.92 -3.84
N LEU A 50 -10.99 -12.87 -3.11
CA LEU A 50 -12.36 -12.39 -3.05
C LEU A 50 -12.49 -11.33 -4.14
N ALA A 51 -13.14 -11.69 -5.25
CA ALA A 51 -13.08 -10.88 -6.46
C ALA A 51 -13.67 -9.49 -6.24
N GLN A 52 -14.77 -9.38 -5.49
CA GLN A 52 -15.38 -8.08 -5.28
C GLN A 52 -14.72 -7.28 -4.16
N ARG A 53 -13.75 -7.84 -3.46
CA ARG A 53 -13.06 -7.14 -2.37
C ARG A 53 -11.69 -6.63 -2.85
N ARG A 54 -11.73 -5.75 -3.83
CA ARG A 54 -10.51 -5.17 -4.38
C ARG A 54 -10.86 -3.82 -4.98
N GLY A 55 -9.86 -2.97 -5.07
CA GLY A 55 -10.08 -1.65 -5.63
C GLY A 55 -8.88 -0.76 -5.41
N PHE A 56 -9.09 0.53 -5.64
CA PHE A 56 -8.03 1.51 -5.45
C PHE A 56 -8.66 2.80 -4.95
N LEU A 57 -7.83 3.61 -4.28
CA LEU A 57 -8.25 4.91 -3.79
C LEU A 57 -7.04 5.81 -3.66
N ALA A 58 -7.31 7.09 -3.46
CA ALA A 58 -6.27 8.06 -3.21
C ALA A 58 -6.57 8.78 -1.89
N ASN A 59 -5.57 9.50 -1.41
CA ASN A 59 -5.78 10.37 -0.26
C ASN A 59 -6.79 11.46 -0.63
N GLN A 60 -7.55 11.90 0.38
CA GLN A 60 -8.32 13.11 0.25
C GLN A 60 -7.39 14.27 0.54
N ALA A 61 -7.17 15.13 -0.46
CA ALA A 61 -6.16 16.17 -0.34
C ALA A 61 -6.53 17.18 0.74
N LYS A 62 -5.50 17.67 1.44
CA LYS A 62 -5.71 18.80 2.33
C LYS A 62 -6.25 19.98 1.53
N HIS A 63 -7.20 20.71 2.13
CA HIS A 63 -7.87 21.88 1.56
C HIS A 63 -8.93 21.54 0.52
N LYS A 64 -9.29 20.27 0.34
CA LYS A 64 -10.34 19.94 -0.62
C LYS A 64 -11.71 20.18 0.01
N HIS A 65 -12.59 20.88 -0.71
CA HIS A 65 -13.88 21.27 -0.18
C HIS A 65 -14.66 20.05 0.30
N GLY A 66 -15.32 20.19 1.45
CA GLY A 66 -15.98 19.09 2.10
C GLY A 66 -15.09 18.21 2.94
N PHE A 67 -13.77 18.37 2.86
CA PHE A 67 -12.81 17.63 3.65
C PHE A 67 -11.54 18.45 3.77
N LEU A 68 -11.65 19.64 4.37
CA LEU A 68 -10.56 20.61 4.33
C LEU A 68 -9.31 20.11 5.06
N GLU A 69 -9.49 19.24 6.05
CA GLU A 69 -8.34 18.68 6.75
C GLU A 69 -7.68 17.54 5.97
N GLY A 70 -8.35 17.01 4.95
CA GLY A 70 -7.83 15.88 4.21
C GLY A 70 -7.91 14.59 4.99
N ARG A 71 -7.58 13.49 4.31
CA ARG A 71 -7.57 12.17 4.94
C ARG A 71 -6.59 11.33 4.14
N HIS A 72 -5.59 10.78 4.82
CA HIS A 72 -4.59 9.96 4.14
C HIS A 72 -5.19 8.69 3.56
N ALA A 73 -4.55 8.17 2.51
CA ALA A 73 -5.07 7.01 1.78
C ALA A 73 -5.30 5.82 2.70
N GLU A 74 -4.36 5.56 3.60
CA GLU A 74 -4.48 4.40 4.48
C GLU A 74 -5.71 4.49 5.36
N LEU A 75 -6.07 5.71 5.79
CA LEU A 75 -7.26 5.88 6.63
C LEU A 75 -8.54 5.69 5.83
N CYS A 76 -8.59 6.19 4.58
CA CYS A 76 -9.74 5.91 3.73
C CYS A 76 -9.89 4.40 3.53
N PHE A 77 -8.76 3.72 3.36
CA PHE A 77 -8.80 2.28 3.19
C PHE A 77 -9.35 1.58 4.42
N LEU A 78 -8.81 1.91 5.61
CA LEU A 78 -9.33 1.34 6.84
C LEU A 78 -10.81 1.64 7.02
N ASP A 79 -11.26 2.82 6.53
CA ASP A 79 -12.67 3.15 6.64
C ASP A 79 -13.54 2.18 5.85
N VAL A 80 -13.06 1.75 4.68
CA VAL A 80 -13.91 0.85 3.89
C VAL A 80 -14.05 -0.56 4.46
N ILE A 81 -13.17 -0.97 5.39
CA ILE A 81 -13.16 -2.38 5.83
C ILE A 81 -14.44 -2.83 6.52
N PRO A 82 -14.99 -2.12 7.52
CA PRO A 82 -16.19 -2.63 8.20
C PRO A 82 -17.34 -2.92 7.26
N PHE A 83 -17.39 -2.24 6.11
CA PHE A 83 -18.48 -2.44 5.17
C PHE A 83 -18.35 -3.76 4.41
N TRP A 84 -17.18 -4.39 4.46
CA TRP A 84 -17.02 -5.71 3.85
C TRP A 84 -17.79 -6.78 4.61
N LYS A 85 -18.01 -6.57 5.91
CA LYS A 85 -18.64 -7.58 6.78
C LYS A 85 -17.85 -8.89 6.75
N LEU A 86 -16.54 -8.78 6.97
CA LEU A 86 -15.69 -9.96 7.08
C LEU A 86 -16.21 -10.90 8.16
N ASP A 87 -16.23 -12.19 7.86
CA ASP A 87 -16.71 -13.17 8.82
C ASP A 87 -15.71 -13.33 9.96
N LEU A 88 -16.22 -13.39 11.19
CA LEU A 88 -15.37 -13.32 12.36
C LEU A 88 -14.50 -14.56 12.56
N ASP A 89 -14.93 -15.72 12.04
CA ASP A 89 -14.21 -16.97 12.27
C ASP A 89 -13.38 -17.42 11.06
N GLN A 90 -13.09 -16.51 10.14
CA GLN A 90 -12.28 -16.84 8.97
C GLN A 90 -11.03 -15.98 8.97
N ASP A 91 -9.96 -16.51 8.37
CA ASP A 91 -8.70 -15.80 8.24
C ASP A 91 -8.64 -15.11 6.89
N TYR A 92 -8.15 -13.87 6.87
CA TYR A 92 -8.05 -13.08 5.66
C TYR A 92 -6.64 -12.54 5.51
N ARG A 93 -6.23 -12.34 4.26
CA ARG A 93 -4.99 -11.64 3.94
C ARG A 93 -5.35 -10.43 3.10
N VAL A 94 -4.99 -9.25 3.59
CA VAL A 94 -5.29 -8.00 2.91
C VAL A 94 -3.97 -7.41 2.43
N THR A 95 -3.85 -7.17 1.12
CA THR A 95 -2.63 -6.64 0.53
C THR A 95 -2.91 -5.24 -0.02
N CYS A 96 -2.08 -4.29 0.38
CA CYS A 96 -2.14 -2.91 -0.07
C CYS A 96 -0.88 -2.60 -0.85
N PHE A 97 -1.03 -2.22 -2.11
CA PHE A 97 0.05 -1.69 -2.92
C PHE A 97 -0.03 -0.17 -2.84
N THR A 98 0.94 0.43 -2.16
CA THR A 98 0.90 1.86 -1.87
C THR A 98 1.99 2.60 -2.64
N SER A 99 1.70 3.83 -3.07
CA SER A 99 2.72 4.58 -3.79
C SER A 99 3.73 5.20 -2.84
N TRP A 100 3.25 5.74 -1.71
CA TRP A 100 4.07 6.10 -0.57
C TRP A 100 3.74 5.14 0.57
N SER A 101 4.77 4.75 1.33
CA SER A 101 4.61 3.93 2.52
C SER A 101 4.00 4.78 3.65
N PRO A 102 3.54 4.14 4.74
CA PRO A 102 2.79 4.90 5.76
C PRO A 102 3.64 5.91 6.52
N CYS A 103 3.08 7.11 6.71
CA CYS A 103 3.60 8.04 7.68
C CYS A 103 3.42 7.47 9.10
N PHE A 104 4.04 8.13 10.08
CA PHE A 104 4.03 7.62 11.45
C PHE A 104 2.62 7.42 11.97
N SER A 105 1.74 8.41 11.79
CA SER A 105 0.38 8.29 12.33
CA SER A 105 0.40 8.29 12.34
C SER A 105 -0.41 7.20 11.63
N CYS A 106 -0.26 7.10 10.31
CA CYS A 106 -0.94 6.04 9.57
C CYS A 106 -0.41 4.67 10.01
N ALA A 107 0.90 4.57 10.23
CA ALA A 107 1.46 3.32 10.69
C ALA A 107 0.89 2.92 12.04
N GLN A 108 0.77 3.88 12.96
CA GLN A 108 0.19 3.60 14.27
C GLN A 108 -1.27 3.15 14.14
N GLU A 109 -2.03 3.79 13.25
CA GLU A 109 -3.44 3.40 13.10
C GLU A 109 -3.59 2.01 12.48
N MET A 110 -2.77 1.70 11.48
CA MET A 110 -2.82 0.35 10.91
CA MET A 110 -2.82 0.35 10.92
C MET A 110 -2.37 -0.70 11.92
N ALA A 111 -1.39 -0.36 12.77
CA ALA A 111 -0.98 -1.28 13.82
C ALA A 111 -2.10 -1.51 14.82
N LYS A 112 -2.81 -0.44 15.19
CA LYS A 112 -3.97 -0.59 16.06
C LYS A 112 -5.01 -1.51 15.42
N PHE A 113 -5.26 -1.34 14.12
CA PHE A 113 -6.26 -2.17 13.46
C PHE A 113 -5.86 -3.64 13.47
N ILE A 114 -4.63 -3.95 13.10
CA ILE A 114 -4.22 -5.35 13.10
C ILE A 114 -4.12 -5.92 14.51
N SER A 115 -3.88 -5.07 15.52
CA SER A 115 -3.89 -5.54 16.91
C SER A 115 -5.30 -5.89 17.37
N LYS A 116 -6.32 -5.16 16.87
CA LYS A 116 -7.69 -5.45 17.24
C LYS A 116 -8.34 -6.54 16.40
N ASN A 117 -7.81 -6.81 15.21
CA ASN A 117 -8.41 -7.77 14.28
C ASN A 117 -7.35 -8.83 13.94
N LYS A 118 -7.24 -9.83 14.79
CA LYS A 118 -6.15 -10.80 14.64
C LYS A 118 -6.36 -11.76 13.50
N HIS A 119 -7.59 -11.90 12.99
CA HIS A 119 -7.82 -12.77 11.86
C HIS A 119 -7.45 -12.14 10.53
N VAL A 120 -6.88 -10.93 10.54
CA VAL A 120 -6.47 -10.24 9.32
C VAL A 120 -4.95 -10.14 9.29
N SER A 121 -4.35 -10.63 8.21
CA SER A 121 -2.92 -10.50 7.97
CA SER A 121 -2.92 -10.50 7.97
C SER A 121 -2.70 -9.41 6.93
N LEU A 122 -2.05 -8.33 7.33
CA LEU A 122 -1.85 -7.16 6.49
C LEU A 122 -0.48 -7.20 5.83
N CYS A 123 -0.46 -7.08 4.50
CA CYS A 123 0.77 -6.95 3.72
C CYS A 123 0.76 -5.58 3.06
N ILE A 124 1.84 -4.82 3.27
CA ILE A 124 2.03 -3.52 2.64
C ILE A 124 3.18 -3.66 1.67
N LYS A 125 2.91 -3.42 0.39
CA LYS A 125 3.93 -3.42 -0.65
C LYS A 125 3.98 -2.03 -1.25
N THR A 126 5.10 -1.34 -1.06
CA THR A 126 5.18 0.09 -1.34
C THR A 126 6.14 0.38 -2.49
N ALA A 127 5.75 1.35 -3.32
CA ALA A 127 6.64 1.80 -4.40
C ALA A 127 7.83 2.58 -3.84
N ARG A 128 7.57 3.49 -2.91
CA ARG A 128 8.60 4.36 -2.33
C ARG A 128 8.45 4.40 -0.82
N ILE A 129 9.54 4.78 -0.14
CA ILE A 129 9.53 4.96 1.29
C ILE A 129 9.25 6.42 1.62
N TYR A 130 8.16 6.67 2.33
CA TYR A 130 7.82 8.01 2.82
C TYR A 130 8.61 8.27 4.11
N ASP A 131 9.38 9.36 4.14
CA ASP A 131 10.27 9.62 5.27
C ASP A 131 9.54 10.20 6.48
N ASP A 132 8.49 11.00 6.26
CA ASP A 132 7.76 11.68 7.34
C ASP A 132 8.70 12.48 8.24
N LYS A 133 9.61 13.23 7.61
CA LYS A 133 10.54 14.11 8.33
C LYS A 133 11.28 13.38 9.44
N GLY A 134 11.71 12.15 9.14
CA GLY A 134 12.50 11.35 10.05
C GLY A 134 11.71 10.50 11.03
N ARG A 135 10.38 10.58 11.01
CA ARG A 135 9.56 9.85 11.97
C ARG A 135 9.01 8.53 11.45
N ALA A 136 9.04 8.32 10.14
CA ALA A 136 8.38 7.14 9.58
C ALA A 136 9.08 5.84 9.99
N ALA A 137 10.40 5.87 10.13
CA ALA A 137 11.14 4.62 10.35
C ALA A 137 10.68 3.90 11.62
N GLU A 138 10.55 4.65 12.71
CA GLU A 138 10.02 4.06 13.94
C GLU A 138 8.61 3.55 13.75
N GLY A 139 7.81 4.25 12.95
CA GLY A 139 6.45 3.79 12.68
C GLY A 139 6.41 2.48 11.91
N LEU A 140 7.29 2.33 10.92
CA LEU A 140 7.35 1.07 10.18
C LEU A 140 7.80 -0.07 11.07
N ARG A 141 8.76 0.19 11.97
CA ARG A 141 9.15 -0.85 12.92
C ARG A 141 8.00 -1.23 13.83
N THR A 142 7.20 -0.25 14.26
CA THR A 142 6.04 -0.53 15.10
C THR A 142 4.99 -1.34 14.34
N LEU A 143 4.76 -1.02 13.07
CA LEU A 143 3.79 -1.74 12.26
C LEU A 143 4.24 -3.18 12.02
N ALA A 144 5.53 -3.37 11.75
CA ALA A 144 6.07 -4.72 11.60
C ALA A 144 5.96 -5.52 12.89
N GLU A 145 6.26 -4.89 14.03
CA GLU A 145 6.16 -5.59 15.30
C GLU A 145 4.73 -6.01 15.60
N ALA A 146 3.75 -5.25 15.12
CA ALA A 146 2.35 -5.63 15.28
C ALA A 146 1.93 -6.74 14.32
N GLY A 147 2.79 -7.13 13.40
CA GLY A 147 2.54 -8.28 12.55
C GLY A 147 2.43 -7.99 11.07
N ALA A 148 2.47 -6.73 10.63
CA ALA A 148 2.35 -6.43 9.21
C ALA A 148 3.60 -6.90 8.48
N LYS A 149 3.40 -7.33 7.23
CA LYS A 149 4.50 -7.72 6.36
C LYS A 149 4.72 -6.60 5.36
N ILE A 150 5.79 -5.85 5.55
CA ILE A 150 6.09 -4.65 4.77
C ILE A 150 7.21 -4.98 3.79
N SER A 151 7.02 -4.65 2.52
CA SER A 151 8.05 -4.91 1.53
C SER A 151 8.01 -3.84 0.44
N ILE A 152 9.05 -3.83 -0.39
CA ILE A 152 9.16 -2.90 -1.51
C ILE A 152 8.61 -3.56 -2.77
N MET A 153 7.79 -2.81 -3.52
CA MET A 153 7.21 -3.33 -4.75
C MET A 153 8.29 -3.67 -5.77
N THR A 154 8.13 -4.81 -6.42
CA THR A 154 9.02 -5.28 -7.46
C THR A 154 8.31 -5.23 -8.81
N TYR A 155 9.09 -5.50 -9.87
CA TYR A 155 8.60 -5.47 -11.25
C TYR A 155 7.28 -6.24 -11.40
N SER A 156 7.24 -7.51 -10.96
CA SER A 156 6.02 -8.30 -11.16
C SER A 156 4.84 -7.70 -10.42
N GLU A 157 5.09 -7.02 -9.31
CA GLU A 157 3.99 -6.39 -8.58
C GLU A 157 3.49 -5.12 -9.27
N PHE A 158 4.39 -4.30 -9.79
CA PHE A 158 3.97 -3.19 -10.65
C PHE A 158 3.15 -3.70 -11.83
N LYS A 159 3.63 -4.78 -12.47
CA LYS A 159 2.89 -5.34 -13.62
C LYS A 159 1.53 -5.84 -13.19
N HIS A 160 1.44 -6.50 -12.03
CA HIS A 160 0.14 -6.96 -11.55
C HIS A 160 -0.82 -5.79 -11.35
N CYS A 161 -0.32 -4.68 -10.80
CA CYS A 161 -1.19 -3.53 -10.56
C CYS A 161 -1.61 -2.89 -11.88
N TRP A 162 -0.68 -2.77 -12.82
CA TRP A 162 -1.04 -2.27 -14.15
C TRP A 162 -2.12 -3.15 -14.76
N ASP A 163 -1.91 -4.46 -14.75
CA ASP A 163 -2.80 -5.38 -15.45
C ASP A 163 -4.19 -5.39 -14.82
N THR A 164 -4.27 -5.30 -13.48
CA THR A 164 -5.52 -5.57 -12.78
C THR A 164 -6.17 -4.37 -12.11
N PHE A 165 -5.49 -3.22 -11.99
CA PHE A 165 -6.11 -2.02 -11.43
C PHE A 165 -6.18 -0.85 -12.40
N VAL A 166 -5.45 -0.86 -13.51
CA VAL A 166 -5.29 0.31 -14.37
C VAL A 166 -6.16 0.19 -15.61
N ASP A 167 -6.72 1.33 -16.04
CA ASP A 167 -7.55 1.39 -17.26
C ASP A 167 -6.64 1.43 -18.49
N HIS A 168 -5.94 0.30 -18.71
CA HIS A 168 -4.91 0.24 -19.76
C HIS A 168 -5.46 0.13 -21.18
N GLN A 169 -6.72 -0.26 -21.35
CA GLN A 169 -7.35 -0.38 -22.67
C GLN A 169 -6.56 -1.27 -23.61
N GLY A 170 -5.87 -2.27 -23.05
CA GLY A 170 -5.13 -3.23 -23.83
C GLY A 170 -3.65 -2.97 -23.95
N ALA A 171 -3.16 -1.82 -23.47
CA ALA A 171 -1.73 -1.55 -23.52
C ALA A 171 -1.01 -2.41 -22.48
N PRO A 172 0.13 -3.01 -22.84
CA PRO A 172 0.89 -3.80 -21.87
C PRO A 172 1.62 -2.90 -20.88
N PHE A 173 2.05 -3.49 -19.77
CA PHE A 173 2.86 -2.76 -18.81
C PHE A 173 4.20 -2.40 -19.44
N GLN A 174 4.60 -1.14 -19.28
CA GLN A 174 5.85 -0.64 -19.81
C GLN A 174 6.71 -0.19 -18.63
N PRO A 175 7.73 -0.96 -18.25
CA PRO A 175 8.55 -0.56 -17.09
C PRO A 175 9.33 0.71 -17.40
N TRP A 176 9.41 1.59 -16.41
CA TRP A 176 10.21 2.80 -16.52
C TRP A 176 11.68 2.49 -16.26
N ASP A 177 12.54 3.44 -16.64
CA ASP A 177 13.97 3.21 -16.46
C ASP A 177 14.34 3.02 -15.00
N GLY A 178 15.22 2.04 -14.77
CA GLY A 178 15.79 1.81 -13.47
C GLY A 178 14.89 1.11 -12.49
N LEU A 179 13.71 0.64 -12.92
CA LEU A 179 12.74 0.07 -11.98
C LEU A 179 13.39 -0.96 -11.05
N ASP A 180 14.08 -1.94 -11.61
CA ASP A 180 14.62 -3.03 -10.78
C ASP A 180 15.67 -2.52 -9.80
N GLU A 181 16.60 -1.69 -10.28
CA GLU A 181 17.64 -1.19 -9.39
C GLU A 181 17.05 -0.31 -8.30
N HIS A 182 16.02 0.47 -8.62
CA HIS A 182 15.36 1.27 -7.59
C HIS A 182 14.71 0.37 -6.55
N SER A 183 14.00 -0.67 -7.01
CA SER A 183 13.38 -1.62 -6.09
CA SER A 183 13.37 -1.60 -6.07
C SER A 183 14.41 -2.22 -5.15
N GLN A 184 15.57 -2.61 -5.69
CA GLN A 184 16.57 -3.30 -4.89
C GLN A 184 17.25 -2.34 -3.90
N ASP A 185 17.49 -1.08 -4.32
CA ASP A 185 18.05 -0.09 -3.40
C ASP A 185 17.07 0.21 -2.27
N LEU A 186 15.79 0.41 -2.62
CA LEU A 186 14.78 0.65 -1.60
C LEU A 186 14.66 -0.54 -0.67
N SER A 187 14.78 -1.76 -1.20
CA SER A 187 14.70 -2.95 -0.37
CA SER A 187 14.70 -2.95 -0.36
C SER A 187 15.83 -2.99 0.65
N GLY A 188 17.04 -2.62 0.23
CA GLY A 188 18.14 -2.52 1.19
C GLY A 188 17.86 -1.49 2.27
N ARG A 189 17.31 -0.33 1.87
CA ARG A 189 17.01 0.70 2.86
C ARG A 189 15.91 0.25 3.83
N LEU A 190 14.86 -0.40 3.31
CA LEU A 190 13.79 -0.91 4.16
C LEU A 190 14.32 -1.96 5.12
N ARG A 191 15.20 -2.85 4.63
CA ARG A 191 15.81 -3.83 5.52
C ARG A 191 16.57 -3.15 6.65
N ALA A 192 17.36 -2.12 6.33
CA ALA A 192 18.07 -1.40 7.38
C ALA A 192 17.11 -0.76 8.38
N ILE A 193 15.99 -0.21 7.87
CA ILE A 193 15.00 0.42 8.74
C ILE A 193 14.40 -0.60 9.71
N LEU A 194 13.95 -1.73 9.17
CA LEU A 194 13.22 -2.72 9.96
C LEU A 194 14.10 -3.41 10.99
N GLN A 195 15.41 -3.46 10.77
CA GLN A 195 16.35 -4.00 11.76
C GLN A 195 17.04 -2.91 12.56
N ASN A 196 16.58 -1.66 12.45
CA ASN A 196 17.04 -0.53 13.26
C ASN A 196 18.52 -0.21 13.04
N GLN A 197 18.97 -0.33 11.80
CA GLN A 197 20.25 0.23 11.38
C GLN A 197 20.11 1.66 10.88
N GLU A 198 18.89 2.12 10.62
CA GLU A 198 18.62 3.49 10.21
C GLU A 198 17.61 4.13 11.15
#